data_9LGL
#
_entry.id   9LGL
#
_cell.length_a   52.329
_cell.length_b   110.933
_cell.length_c   73.016
_cell.angle_alpha   90.00
_cell.angle_beta   109.46
_cell.angle_gamma   90.00
#
_symmetry.space_group_name_H-M   'P 1 21 1'
#
loop_
_entity.id
_entity.type
_entity.pdbx_description
1 polymer 'Membrane-associated tyrosine- and threonine-specific cdc2-inhibitory kinase'
2 non-polymer 3-azanyl-7-chloranyl-4-(2-methyl-5-oxidanyl-phenyl)-1H-1,5-naphthyridin-2-one
3 non-polymer 1,2-ETHANEDIOL
4 non-polymer 'CHLORIDE ION'
5 water water
#
_entity_poly.entity_id   1
_entity_poly.type   'polypeptide(L)'
_entity_poly.pdbx_seq_one_letter_code
;HQLQPRRVSFRGEASETLQSPGYDPSRPESFFQQSFQRLSRLGHGSYGEVFKVRSKEDGRLYAVKRSMSPFRGPKDRARK
LAEVGSHEKVGQHPCCVRLEQAWEEGGILYLQTELCGPSLQQHCEAWGASLPEAQVWGYLRDTLLALAHLHSQGLVHLDV
KPANIFLGPRGRCKLGDFGLLVELGTAGAGEVQEGDPRYMAPELLQGSYGTAADVFSLGLTILEVACNMELPHGGEGWQQ
LRQGYLPPEFTAGLSSELRSVLVMMLEPDPKLRATAEALLALPVLRQ
;
_entity_poly.pdbx_strand_id   A,B
#
# COMPACT_ATOMS: atom_id res chain seq x y z
N GLN A 4 -20.02 31.17 -7.20
CA GLN A 4 -18.87 31.44 -6.37
C GLN A 4 -18.78 30.42 -5.23
N PRO A 5 -17.58 30.18 -4.71
CA PRO A 5 -17.43 29.26 -3.58
C PRO A 5 -17.99 29.86 -2.31
N ARG A 6 -18.72 29.06 -1.55
CA ARG A 6 -19.31 29.46 -0.28
C ARG A 6 -18.68 28.62 0.81
N ARG A 7 -17.97 29.25 1.74
CA ARG A 7 -17.36 28.50 2.83
C ARG A 7 -18.46 27.88 3.70
N VAL A 8 -18.26 26.62 4.06
CA VAL A 8 -19.21 25.87 4.87
C VAL A 8 -18.58 25.63 6.24
N SER A 9 -19.26 26.08 7.28
CA SER A 9 -18.78 25.92 8.65
C SER A 9 -19.95 26.06 9.60
N PHE A 10 -19.74 25.63 10.85
CA PHE A 10 -20.76 25.71 11.88
C PHE A 10 -20.26 26.39 13.15
N ARG A 11 -19.06 26.97 13.13
CA ARG A 11 -18.52 27.70 14.28
C ARG A 11 -18.95 29.16 14.18
N GLY A 12 -20.27 29.36 14.28
CA GLY A 12 -20.90 30.68 14.19
C GLY A 12 -20.54 31.37 12.87
N PRO A 21 -6.07 34.95 -2.13
CA PRO A 21 -5.29 35.02 -3.36
C PRO A 21 -5.25 33.68 -4.11
N GLY A 22 -4.97 33.73 -5.40
CA GLY A 22 -4.95 32.55 -6.24
C GLY A 22 -6.25 32.28 -6.98
N TYR A 23 -7.39 32.58 -6.35
CA TYR A 23 -8.69 32.37 -6.96
C TYR A 23 -9.14 33.65 -7.66
N ASP A 24 -9.29 33.57 -8.97
CA ASP A 24 -9.76 34.69 -9.78
C ASP A 24 -11.16 34.39 -10.28
N PRO A 25 -12.22 34.99 -9.72
CA PRO A 25 -13.59 34.65 -10.13
C PRO A 25 -13.92 35.07 -11.55
N SER A 26 -13.01 35.75 -12.26
CA SER A 26 -13.34 36.30 -13.57
C SER A 26 -13.49 35.20 -14.62
N ARG A 27 -12.79 34.09 -14.45
CA ARG A 27 -12.72 33.04 -15.45
C ARG A 27 -13.46 31.79 -14.99
N PRO A 28 -13.87 30.91 -15.91
CA PRO A 28 -14.96 29.97 -15.61
C PRO A 28 -14.59 28.75 -14.78
N GLU A 29 -13.31 28.37 -14.71
CA GLU A 29 -12.95 27.15 -13.99
C GLU A 29 -13.33 27.26 -12.51
N SER A 30 -13.76 26.14 -11.93
CA SER A 30 -14.19 26.12 -10.55
C SER A 30 -13.00 26.41 -9.63
N PHE A 31 -13.33 26.79 -8.39
CA PHE A 31 -12.30 27.09 -7.40
C PHE A 31 -11.39 25.89 -7.18
N PHE A 32 -11.96 24.68 -7.19
CA PHE A 32 -11.16 23.48 -6.96
C PHE A 32 -10.13 23.29 -8.07
N GLN A 33 -10.53 23.50 -9.33
CA GLN A 33 -9.58 23.44 -10.44
C GLN A 33 -8.59 24.59 -10.39
N GLN A 34 -9.00 25.75 -9.86
CA GLN A 34 -8.16 26.93 -9.89
C GLN A 34 -7.10 26.93 -8.79
N SER A 35 -7.40 26.36 -7.63
CA SER A 35 -6.53 26.49 -6.47
C SER A 35 -5.85 25.18 -6.06
N PHE A 36 -5.99 24.11 -6.85
CA PHE A 36 -5.45 22.82 -6.45
C PHE A 36 -4.91 22.07 -7.66
N GLN A 37 -3.83 21.32 -7.44
CA GLN A 37 -3.20 20.49 -8.45
C GLN A 37 -3.63 19.04 -8.23
N ARG A 38 -4.39 18.49 -9.18
CA ARG A 38 -4.88 17.12 -9.07
C ARG A 38 -3.72 16.16 -9.25
N LEU A 39 -3.23 15.58 -8.15
CA LEU A 39 -2.13 14.63 -8.23
C LEU A 39 -2.63 13.23 -8.58
N SER A 40 -3.68 12.76 -7.89
CA SER A 40 -4.24 11.45 -8.17
C SER A 40 -5.59 11.35 -7.48
N ARG A 41 -6.39 10.40 -7.95
CA ARG A 41 -7.69 10.10 -7.34
C ARG A 41 -7.50 8.96 -6.34
N LEU A 42 -7.82 9.23 -5.07
CA LEU A 42 -7.63 8.23 -4.03
C LEU A 42 -8.80 7.25 -3.94
N GLY A 43 -9.98 7.66 -4.38
CA GLY A 43 -11.15 6.80 -4.34
C GLY A 43 -12.32 7.48 -5.00
N HIS A 44 -13.38 6.69 -5.21
CA HIS A 44 -14.60 7.20 -5.83
C HIS A 44 -15.74 6.24 -5.51
N GLY A 45 -16.95 6.71 -5.78
CA GLY A 45 -18.13 5.91 -5.52
C GLY A 45 -19.39 6.71 -5.78
N SER A 46 -20.50 6.24 -5.21
CA SER A 46 -21.76 6.95 -5.37
C SER A 46 -21.73 8.31 -4.68
N TYR A 47 -20.91 8.44 -3.63
CA TYR A 47 -20.82 9.71 -2.91
C TYR A 47 -20.14 10.77 -3.76
N GLY A 48 -19.10 10.39 -4.52
CA GLY A 48 -18.33 11.32 -5.31
C GLY A 48 -16.92 10.83 -5.54
N GLU A 49 -15.94 11.69 -5.30
CA GLU A 49 -14.54 11.37 -5.58
C GLU A 49 -13.66 11.99 -4.51
N VAL A 50 -12.49 11.38 -4.31
CA VAL A 50 -11.47 11.87 -3.40
C VAL A 50 -10.15 11.96 -4.15
N PHE A 51 -9.51 13.13 -4.11
CA PHE A 51 -8.27 13.37 -4.81
C PHE A 51 -7.16 13.73 -3.83
N LYS A 52 -5.94 13.29 -4.14
CA LYS A 52 -4.74 13.84 -3.52
C LYS A 52 -4.33 15.08 -4.31
N VAL A 53 -4.18 16.20 -3.61
CA VAL A 53 -3.98 17.49 -4.26
C VAL A 53 -2.78 18.20 -3.67
N ARG A 54 -2.20 19.10 -4.46
CA ARG A 54 -1.17 20.03 -4.01
C ARG A 54 -1.74 21.43 -4.14
N SER A 55 -1.78 22.16 -3.03
CA SER A 55 -2.38 23.48 -3.03
C SER A 55 -1.47 24.48 -3.75
N LYS A 56 -2.06 25.25 -4.67
CA LYS A 56 -1.30 26.23 -5.44
C LYS A 56 -0.87 27.44 -4.61
N GLU A 57 -1.38 27.57 -3.39
CA GLU A 57 -1.06 28.73 -2.54
C GLU A 57 0.09 28.46 -1.58
N ASP A 58 0.15 27.27 -0.99
CA ASP A 58 1.22 26.95 -0.06
C ASP A 58 2.10 25.78 -0.49
N GLY A 59 1.72 25.06 -1.56
CA GLY A 59 2.47 23.90 -2.00
C GLY A 59 2.32 22.68 -1.13
N ARG A 60 1.54 22.75 -0.06
CA ARG A 60 1.34 21.61 0.83
C ARG A 60 0.38 20.61 0.21
N LEU A 61 0.44 19.37 0.70
CA LEU A 61 -0.37 18.28 0.19
C LEU A 61 -1.61 18.09 1.05
N TYR A 62 -2.75 17.89 0.39
CA TYR A 62 -4.01 17.64 1.07
C TYR A 62 -4.78 16.57 0.31
N ALA A 63 -5.90 16.15 0.90
CA ALA A 63 -6.87 15.29 0.25
C ALA A 63 -8.20 16.02 0.22
N VAL A 64 -8.85 16.04 -0.94
CA VAL A 64 -10.09 16.77 -1.14
C VAL A 64 -11.16 15.81 -1.65
N LYS A 65 -12.29 15.76 -0.97
CA LYS A 65 -13.44 14.96 -1.36
C LYS A 65 -14.55 15.89 -1.85
N ARG A 66 -15.12 15.56 -3.02
CA ARG A 66 -16.21 16.33 -3.58
C ARG A 66 -17.39 15.42 -3.89
N SER A 67 -18.59 15.97 -3.75
CA SER A 67 -19.78 15.22 -4.09
C SER A 67 -19.92 15.08 -5.60
N MET A 68 -20.70 14.08 -6.02
CA MET A 68 -20.79 13.74 -7.43
C MET A 68 -21.71 14.70 -8.18
N SER A 69 -22.94 14.84 -7.74
CA SER A 69 -23.96 15.59 -8.45
C SER A 69 -24.43 16.79 -7.62
N PRO A 70 -24.96 17.83 -8.27
CA PRO A 70 -25.44 18.99 -7.52
C PRO A 70 -26.56 18.62 -6.55
N PHE A 71 -26.78 19.51 -5.59
CA PHE A 71 -27.78 19.27 -4.56
C PHE A 71 -29.17 19.10 -5.18
N ARG A 72 -29.83 18.00 -4.83
CA ARG A 72 -31.19 17.77 -5.32
C ARG A 72 -32.18 18.73 -4.68
N GLY A 73 -32.07 18.93 -3.37
CA GLY A 73 -32.97 19.81 -2.67
C GLY A 73 -32.36 20.33 -1.37
N PRO A 74 -33.17 21.00 -0.55
CA PRO A 74 -32.66 21.45 0.75
C PRO A 74 -32.27 20.30 1.67
N LYS A 75 -33.04 19.20 1.64
CA LYS A 75 -32.70 18.05 2.47
C LYS A 75 -31.41 17.39 2.00
N ASP A 76 -31.23 17.27 0.68
CA ASP A 76 -29.99 16.71 0.15
C ASP A 76 -28.79 17.57 0.53
N ARG A 77 -28.97 18.89 0.55
CA ARG A 77 -27.87 19.78 0.89
C ARG A 77 -27.52 19.71 2.37
N ALA A 78 -28.54 19.78 3.23
CA ALA A 78 -28.30 19.70 4.67
C ALA A 78 -27.72 18.35 5.06
N ARG A 79 -28.08 17.28 4.34
CA ARG A 79 -27.53 15.97 4.62
C ARG A 79 -26.03 15.94 4.36
N LYS A 80 -25.60 16.45 3.21
CA LYS A 80 -24.18 16.48 2.88
C LYS A 80 -23.43 17.46 3.77
N LEU A 81 -24.01 18.64 3.99
CA LEU A 81 -23.36 19.65 4.84
C LEU A 81 -23.22 19.20 6.28
N ALA A 82 -24.00 18.21 6.72
CA ALA A 82 -23.92 17.77 8.10
C ALA A 82 -22.58 17.12 8.42
N GLU A 83 -21.89 16.58 7.40
CA GLU A 83 -20.59 15.98 7.64
C GLU A 83 -19.58 17.02 8.11
N VAL A 84 -19.64 18.23 7.54
CA VAL A 84 -18.76 19.30 8.00
C VAL A 84 -19.05 19.65 9.45
N GLY A 85 -20.33 19.69 9.83
CA GLY A 85 -20.67 19.95 11.22
C GLY A 85 -20.22 18.84 12.15
N SER A 86 -20.46 17.59 11.74
CA SER A 86 -20.00 16.46 12.53
C SER A 86 -18.47 16.44 12.62
N HIS A 87 -17.79 16.84 11.54
CA HIS A 87 -16.33 16.91 11.55
C HIS A 87 -15.83 18.00 12.48
N GLU A 88 -16.56 19.12 12.58
CA GLU A 88 -16.15 20.21 13.46
C GLU A 88 -16.41 19.91 14.93
N LYS A 89 -17.46 19.14 15.23
CA LYS A 89 -17.73 18.80 16.63
C LYS A 89 -16.63 17.92 17.21
N VAL A 90 -15.98 17.11 16.38
CA VAL A 90 -14.88 16.27 16.86
C VAL A 90 -13.74 17.15 17.33
N GLY A 91 -13.34 18.13 16.52
CA GLY A 91 -12.25 19.01 16.87
C GLY A 91 -10.90 18.36 16.63
N GLN A 92 -9.86 19.11 16.96
CA GLN A 92 -8.49 18.63 16.76
C GLN A 92 -8.19 17.47 17.69
N HIS A 93 -7.71 16.36 17.11
CA HIS A 93 -7.23 15.23 17.90
C HIS A 93 -6.20 14.48 17.07
N PRO A 94 -5.10 14.01 17.67
CA PRO A 94 -4.06 13.36 16.87
C PRO A 94 -4.52 12.10 16.16
N CYS A 95 -5.54 11.42 16.67
CA CYS A 95 -6.00 10.16 16.09
C CYS A 95 -7.26 10.34 15.25
N CYS A 96 -7.57 11.56 14.84
CA CYS A 96 -8.70 11.85 13.96
C CYS A 96 -8.22 12.65 12.77
N VAL A 97 -8.80 12.38 11.60
CA VAL A 97 -8.41 13.09 10.38
C VAL A 97 -8.81 14.55 10.53
N ARG A 98 -7.83 15.44 10.37
CA ARG A 98 -8.05 16.86 10.59
C ARG A 98 -8.70 17.49 9.36
N LEU A 99 -9.85 18.12 9.57
CA LEU A 99 -10.50 18.89 8.53
C LEU A 99 -9.87 20.28 8.44
N GLU A 100 -9.49 20.68 7.24
CA GLU A 100 -8.90 22.01 7.03
C GLU A 100 -9.97 23.05 6.71
N GLN A 101 -10.74 22.83 5.65
CA GLN A 101 -11.84 23.73 5.31
C GLN A 101 -12.77 23.02 4.34
N ALA A 102 -14.00 23.53 4.28
CA ALA A 102 -15.02 22.99 3.40
C ALA A 102 -15.77 24.14 2.75
N TRP A 103 -16.24 23.91 1.52
CA TRP A 103 -16.97 24.94 0.79
C TRP A 103 -17.88 24.28 -0.24
N GLU A 104 -18.83 25.07 -0.75
CA GLU A 104 -19.77 24.60 -1.76
C GLU A 104 -19.72 25.52 -2.96
N GLU A 105 -19.85 24.93 -4.16
CA GLU A 105 -19.85 25.68 -5.40
C GLU A 105 -20.58 24.88 -6.46
N GLY A 106 -21.47 25.53 -7.20
CA GLY A 106 -22.26 24.84 -8.21
C GLY A 106 -23.06 23.67 -7.69
N GLY A 107 -23.50 23.75 -6.43
CA GLY A 107 -24.22 22.64 -5.83
C GLY A 107 -23.36 21.48 -5.39
N ILE A 108 -22.04 21.62 -5.46
CA ILE A 108 -21.09 20.56 -5.12
C ILE A 108 -20.39 20.93 -3.82
N LEU A 109 -20.30 19.97 -2.91
CA LEU A 109 -19.66 20.17 -1.62
C LEU A 109 -18.23 19.62 -1.65
N TYR A 110 -17.28 20.43 -1.20
CA TYR A 110 -15.88 20.05 -1.15
C TYR A 110 -15.40 19.99 0.30
N LEU A 111 -14.65 18.96 0.63
CA LEU A 111 -14.04 18.82 1.95
C LEU A 111 -12.54 18.64 1.77
N GLN A 112 -11.76 19.52 2.39
CA GLN A 112 -10.31 19.49 2.34
C GLN A 112 -9.76 19.07 3.70
N THR A 113 -9.00 17.99 3.73
CA THR A 113 -8.42 17.47 4.96
C THR A 113 -6.92 17.28 4.78
N GLU A 114 -6.26 16.90 5.87
CA GLU A 114 -4.87 16.50 5.79
C GLU A 114 -4.74 15.22 4.97
N LEU A 115 -3.58 15.02 4.38
CA LEU A 115 -3.31 13.84 3.58
C LEU A 115 -2.85 12.70 4.48
N CYS A 116 -3.56 11.58 4.44
CA CYS A 116 -3.22 10.40 5.22
C CYS A 116 -2.78 9.27 4.27
N GLY A 117 -2.25 8.21 4.88
CA GLY A 117 -1.81 7.07 4.12
C GLY A 117 -2.98 6.23 3.62
N PRO A 118 -2.70 5.04 3.11
CA PRO A 118 -3.78 4.15 2.68
C PRO A 118 -4.65 3.74 3.86
N SER A 119 -5.89 3.40 3.55
CA SER A 119 -6.81 2.96 4.60
C SER A 119 -6.37 1.60 5.15
N LEU A 120 -6.90 1.28 6.33
CA LEU A 120 -6.59 -0.02 6.93
C LEU A 120 -7.10 -1.16 6.06
N GLN A 121 -8.17 -0.92 5.30
CA GLN A 121 -8.64 -1.92 4.35
C GLN A 121 -7.63 -2.14 3.24
N GLN A 122 -7.13 -1.07 2.64
CA GLN A 122 -6.12 -1.19 1.59
C GLN A 122 -4.85 -1.83 2.12
N HIS A 123 -4.43 -1.43 3.33
CA HIS A 123 -3.20 -1.95 3.90
C HIS A 123 -3.27 -3.46 4.09
N CYS A 124 -4.42 -3.98 4.54
CA CYS A 124 -4.55 -5.41 4.75
C CYS A 124 -4.65 -6.17 3.43
N GLU A 125 -5.34 -5.59 2.45
CA GLU A 125 -5.42 -6.22 1.14
C GLU A 125 -4.05 -6.33 0.48
N ALA A 126 -3.22 -5.30 0.65
CA ALA A 126 -1.89 -5.30 0.05
C ALA A 126 -1.02 -6.41 0.63
N TRP A 127 -1.17 -6.67 1.93
CA TRP A 127 -0.37 -7.71 2.56
C TRP A 127 -0.98 -9.10 2.40
N GLY A 128 -2.26 -9.17 2.05
CA GLY A 128 -2.90 -10.45 1.77
C GLY A 128 -2.82 -11.47 2.89
N ALA A 129 -2.66 -11.03 4.13
CA ALA A 129 -2.54 -11.94 5.26
C ALA A 129 -2.89 -11.18 6.52
N SER A 130 -2.94 -11.91 7.63
CA SER A 130 -3.15 -11.29 8.92
C SER A 130 -1.98 -10.36 9.25
N LEU A 131 -2.31 -9.14 9.66
CA LEU A 131 -1.27 -8.22 10.08
C LEU A 131 -0.57 -8.76 11.32
N PRO A 132 0.75 -8.58 11.43
CA PRO A 132 1.45 -8.99 12.65
C PRO A 132 0.82 -8.34 13.88
N GLU A 133 0.76 -9.12 14.97
CA GLU A 133 -0.08 -8.72 16.10
C GLU A 133 0.43 -7.44 16.77
N ALA A 134 1.74 -7.20 16.75
CA ALA A 134 2.25 -5.94 17.28
C ALA A 134 1.72 -4.76 16.47
N GLN A 135 1.58 -4.93 15.17
CA GLN A 135 1.01 -3.89 14.32
C GLN A 135 -0.47 -3.69 14.63
N VAL A 136 -1.18 -4.76 15.01
CA VAL A 136 -2.61 -4.66 15.26
C VAL A 136 -2.87 -3.94 16.58
N TRP A 137 -2.04 -4.20 17.60
CA TRP A 137 -2.20 -3.52 18.88
C TRP A 137 -2.08 -2.01 18.72
N GLY A 138 -1.19 -1.56 17.85
CA GLY A 138 -1.08 -0.12 17.61
C GLY A 138 -2.32 0.46 16.96
N TYR A 139 -2.87 -0.24 15.96
CA TYR A 139 -4.08 0.22 15.31
C TYR A 139 -5.28 0.17 16.26
N LEU A 140 -5.31 -0.83 17.15
CA LEU A 140 -6.39 -0.92 18.12
C LEU A 140 -6.33 0.24 19.11
N ARG A 141 -5.13 0.53 19.63
CA ARG A 141 -5.00 1.60 20.62
C ARG A 141 -5.29 2.97 20.01
N ASP A 142 -4.76 3.23 18.81
CA ASP A 142 -4.98 4.53 18.17
C ASP A 142 -6.45 4.79 17.90
N THR A 143 -7.17 3.77 17.40
CA THR A 143 -8.59 3.96 17.13
C THR A 143 -9.40 4.03 18.43
N LEU A 144 -8.97 3.29 19.46
CA LEU A 144 -9.61 3.41 20.77
C LEU A 144 -9.44 4.82 21.33
N LEU A 145 -8.25 5.41 21.16
CA LEU A 145 -8.03 6.78 21.58
C LEU A 145 -8.94 7.75 20.83
N ALA A 146 -9.16 7.49 19.54
CA ALA A 146 -10.07 8.33 18.77
C ALA A 146 -11.50 8.17 19.25
N LEU A 147 -11.94 6.93 19.51
CA LEU A 147 -13.30 6.72 19.98
C LEU A 147 -13.51 7.31 21.37
N ALA A 148 -12.50 7.17 22.25
CA ALA A 148 -12.57 7.80 23.56
C ALA A 148 -12.71 9.31 23.46
N HIS A 149 -12.07 9.91 22.46
CA HIS A 149 -12.23 11.34 22.23
C HIS A 149 -13.65 11.66 21.77
N LEU A 150 -14.19 10.86 20.86
CA LEU A 150 -15.56 11.07 20.38
C LEU A 150 -16.57 10.83 21.50
N HIS A 151 -16.41 9.73 22.25
CA HIS A 151 -17.44 9.33 23.19
C HIS A 151 -17.47 10.23 24.43
N SER A 152 -16.33 10.83 24.78
CA SER A 152 -16.33 11.79 25.90
C SER A 152 -17.14 13.04 25.58
N GLN A 153 -17.39 13.31 24.30
CA GLN A 153 -18.19 14.44 23.87
C GLN A 153 -19.61 14.04 23.48
N GLY A 154 -20.02 12.82 23.82
CA GLY A 154 -21.34 12.36 23.44
C GLY A 154 -21.54 12.09 21.97
N LEU A 155 -20.46 11.84 21.24
CA LEU A 155 -20.54 11.59 19.80
C LEU A 155 -20.38 10.10 19.54
N VAL A 156 -21.14 9.59 18.57
CA VAL A 156 -21.09 8.20 18.15
C VAL A 156 -20.76 8.16 16.66
N HIS A 157 -19.70 7.42 16.30
CA HIS A 157 -19.24 7.43 14.92
C HIS A 157 -20.19 6.66 14.01
N LEU A 158 -20.60 5.47 14.42
CA LEU A 158 -21.58 4.62 13.75
C LEU A 158 -21.09 4.05 12.42
N ASP A 159 -19.81 4.21 12.08
CA ASP A 159 -19.28 3.63 10.85
C ASP A 159 -17.80 3.31 11.02
N VAL A 160 -17.46 2.67 12.13
CA VAL A 160 -16.08 2.24 12.36
C VAL A 160 -15.83 0.97 11.56
N LYS A 161 -14.88 1.02 10.64
CA LYS A 161 -14.53 -0.12 9.80
C LYS A 161 -13.17 0.14 9.17
N PRO A 162 -12.49 -0.90 8.68
CA PRO A 162 -11.15 -0.69 8.11
C PRO A 162 -11.09 0.34 7.01
N ALA A 163 -12.18 0.52 6.26
CA ALA A 163 -12.16 1.50 5.17
C ALA A 163 -12.16 2.94 5.68
N ASN A 164 -12.50 3.16 6.94
CA ASN A 164 -12.55 4.49 7.53
C ASN A 164 -11.41 4.74 8.51
N ILE A 165 -10.40 3.88 8.54
CA ILE A 165 -9.22 4.06 9.38
C ILE A 165 -8.03 4.22 8.45
N PHE A 166 -7.31 5.34 8.59
CA PHE A 166 -6.25 5.72 7.68
C PHE A 166 -4.91 5.77 8.39
N LEU A 167 -3.87 5.23 7.73
CA LEU A 167 -2.57 5.12 8.35
C LEU A 167 -1.89 6.48 8.48
N GLY A 168 -1.17 6.66 9.58
CA GLY A 168 -0.23 7.75 9.71
C GLY A 168 1.18 7.20 9.66
N PRO A 169 2.18 8.08 9.71
CA PRO A 169 3.56 7.61 9.68
C PRO A 169 3.95 6.84 10.93
N ARG A 170 4.91 5.94 10.76
CA ARG A 170 5.47 5.14 11.86
C ARG A 170 4.41 4.27 12.55
N GLY A 171 3.50 3.71 11.76
CA GLY A 171 2.54 2.76 12.30
C GLY A 171 1.35 3.34 13.02
N ARG A 172 1.14 4.65 12.93
CA ARG A 172 -0.03 5.27 13.52
C ARG A 172 -1.20 5.22 12.54
N CYS A 173 -2.40 5.40 13.07
CA CYS A 173 -3.60 5.44 12.23
C CYS A 173 -4.59 6.43 12.81
N LYS A 174 -5.48 6.92 11.95
CA LYS A 174 -6.44 7.95 12.31
C LYS A 174 -7.84 7.52 11.87
N LEU A 175 -8.84 7.90 12.68
CA LEU A 175 -10.22 7.59 12.38
C LEU A 175 -10.82 8.72 11.55
N GLY A 176 -11.52 8.36 10.47
CA GLY A 176 -12.07 9.36 9.57
C GLY A 176 -13.50 9.07 9.13
N ASP A 177 -13.96 9.82 8.13
CA ASP A 177 -15.31 9.71 7.58
C ASP A 177 -16.35 9.85 8.68
N PHE A 178 -16.68 11.10 9.04
CA PHE A 178 -17.65 11.40 10.08
C PHE A 178 -19.02 11.74 9.51
N GLY A 179 -19.33 11.22 8.32
CA GLY A 179 -20.62 11.50 7.71
C GLY A 179 -21.80 10.88 8.42
N LEU A 180 -21.57 9.81 9.18
CA LEU A 180 -22.63 9.15 9.92
C LEU A 180 -22.63 9.50 11.41
N LEU A 181 -21.71 10.35 11.85
CA LEU A 181 -21.60 10.69 13.26
C LEU A 181 -22.87 11.38 13.76
N VAL A 182 -23.30 11.01 14.96
CA VAL A 182 -24.48 11.61 15.58
C VAL A 182 -24.11 12.06 16.98
N GLU A 183 -24.79 13.09 17.44
CA GLU A 183 -24.66 13.60 18.80
C GLU A 183 -25.79 13.01 19.63
N LEU A 184 -25.45 12.37 20.75
CA LEU A 184 -26.41 11.61 21.52
C LEU A 184 -27.56 12.49 22.01
N VAL A 192 -29.98 9.35 11.74
CA VAL A 192 -29.16 8.17 11.47
C VAL A 192 -29.46 7.65 10.06
N GLN A 193 -28.41 7.24 9.37
CA GLN A 193 -28.52 6.61 8.07
C GLN A 193 -28.14 5.13 8.18
N GLU A 194 -28.20 4.43 7.05
CA GLU A 194 -27.88 3.01 7.03
C GLU A 194 -26.37 2.82 7.19
N GLY A 195 -25.97 2.05 8.20
CA GLY A 195 -24.59 1.71 8.39
C GLY A 195 -24.23 0.40 7.69
N ASP A 196 -22.96 0.05 7.78
CA ASP A 196 -22.48 -1.20 7.19
C ASP A 196 -22.92 -2.37 8.05
N PRO A 197 -23.67 -3.34 7.51
CA PRO A 197 -24.15 -4.45 8.35
C PRO A 197 -23.05 -5.40 8.80
N ARG A 198 -21.92 -5.46 8.09
CA ARG A 198 -20.85 -6.37 8.49
C ARG A 198 -20.29 -6.02 9.87
N TYR A 199 -20.29 -4.74 10.22
CA TYR A 199 -19.70 -4.25 11.46
C TYR A 199 -20.74 -3.71 12.43
N MET A 200 -22.00 -4.04 12.22
CA MET A 200 -23.09 -3.45 12.99
C MET A 200 -23.22 -4.13 14.35
N ALA A 201 -23.37 -3.33 15.40
CA ALA A 201 -23.62 -3.88 16.73
C ALA A 201 -25.02 -4.47 16.78
N PRO A 202 -25.23 -5.53 17.57
CA PRO A 202 -26.55 -6.19 17.57
C PRO A 202 -27.68 -5.31 18.03
N GLU A 203 -27.44 -4.41 18.99
CA GLU A 203 -28.53 -3.60 19.53
C GLU A 203 -29.08 -2.60 18.53
N LEU A 204 -28.35 -2.32 17.45
CA LEU A 204 -28.85 -1.43 16.42
C LEU A 204 -30.04 -2.02 15.66
N LEU A 205 -30.21 -3.34 15.68
CA LEU A 205 -31.36 -3.95 15.03
C LEU A 205 -32.65 -3.50 15.70
N GLN A 206 -32.64 -3.38 17.03
CA GLN A 206 -33.81 -2.93 17.78
C GLN A 206 -33.90 -1.40 17.87
N GLY A 207 -33.13 -0.68 17.07
CA GLY A 207 -33.17 0.77 17.12
C GLY A 207 -32.59 1.34 18.40
N SER A 208 -31.56 0.70 18.94
CA SER A 208 -30.90 1.15 20.17
C SER A 208 -29.47 1.50 19.84
N TYR A 209 -29.10 2.77 20.05
CA TYR A 209 -27.76 3.22 19.73
C TYR A 209 -27.13 3.92 20.93
N GLY A 210 -25.81 3.89 20.96
CA GLY A 210 -25.01 4.54 21.99
C GLY A 210 -23.56 4.43 21.61
N THR A 211 -22.71 4.98 22.48
CA THR A 211 -21.27 4.90 22.24
C THR A 211 -20.77 3.46 22.25
N ALA A 212 -21.51 2.55 22.88
CA ALA A 212 -21.13 1.15 22.90
C ALA A 212 -21.16 0.51 21.51
N ALA A 213 -21.90 1.12 20.57
CA ALA A 213 -21.98 0.56 19.23
C ALA A 213 -20.65 0.65 18.50
N ASP A 214 -19.89 1.72 18.75
CA ASP A 214 -18.58 1.88 18.10
C ASP A 214 -17.57 0.86 18.62
N VAL A 215 -17.65 0.50 19.90
CA VAL A 215 -16.71 -0.47 20.46
C VAL A 215 -16.91 -1.83 19.80
N PHE A 216 -18.16 -2.21 19.55
CA PHE A 216 -18.42 -3.48 18.88
C PHE A 216 -17.91 -3.46 17.45
N SER A 217 -18.13 -2.37 16.73
CA SER A 217 -17.67 -2.27 15.35
C SER A 217 -16.14 -2.32 15.29
N LEU A 218 -15.47 -1.72 16.26
CA LEU A 218 -14.02 -1.81 16.31
C LEU A 218 -13.57 -3.22 16.64
N GLY A 219 -14.35 -3.96 17.43
CA GLY A 219 -14.00 -5.35 17.70
C GLY A 219 -14.06 -6.22 16.46
N LEU A 220 -15.08 -6.03 15.63
CA LEU A 220 -15.15 -6.75 14.37
C LEU A 220 -14.10 -6.25 13.38
N THR A 221 -13.73 -4.96 13.46
CA THR A 221 -12.67 -4.44 12.62
C THR A 221 -11.35 -5.11 12.94
N ILE A 222 -11.01 -5.21 14.22
CA ILE A 222 -9.76 -5.87 14.63
C ILE A 222 -9.82 -7.35 14.30
N LEU A 223 -10.97 -7.99 14.51
CA LEU A 223 -11.10 -9.40 14.18
C LEU A 223 -10.88 -9.65 12.69
N GLU A 224 -11.31 -8.72 11.84
CA GLU A 224 -11.12 -8.89 10.41
C GLU A 224 -9.65 -8.75 10.03
N VAL A 225 -8.97 -7.73 10.54
CA VAL A 225 -7.61 -7.46 10.09
C VAL A 225 -6.60 -8.37 10.78
N ALA A 226 -6.88 -8.82 12.00
CA ALA A 226 -5.95 -9.70 12.71
C ALA A 226 -6.11 -11.16 12.32
N CYS A 227 -7.23 -11.54 11.70
CA CYS A 227 -7.45 -12.91 11.26
C CYS A 227 -7.62 -13.04 9.76
N ASN A 228 -7.72 -11.93 9.02
CA ASN A 228 -7.86 -11.94 7.56
C ASN A 228 -9.08 -12.75 7.14
N MET A 229 -10.19 -12.56 7.85
CA MET A 229 -11.45 -13.20 7.54
C MET A 229 -12.47 -12.17 7.07
N GLU A 230 -13.22 -12.52 6.04
CA GLU A 230 -14.29 -11.67 5.55
C GLU A 230 -15.50 -11.75 6.48
N LEU A 231 -16.07 -10.59 6.79
CA LEU A 231 -17.20 -10.65 7.72
C LEU A 231 -18.50 -10.84 6.96
N PRO A 232 -19.44 -11.60 7.51
CA PRO A 232 -20.69 -11.88 6.80
C PRO A 232 -21.65 -10.70 6.82
N HIS A 233 -22.32 -10.48 5.69
CA HIS A 233 -23.36 -9.46 5.61
C HIS A 233 -24.63 -9.90 6.32
N GLY A 234 -24.84 -11.20 6.47
CA GLY A 234 -26.04 -11.70 7.10
C GLY A 234 -25.95 -13.19 7.32
N GLY A 235 -27.10 -13.79 7.62
CA GLY A 235 -27.16 -15.22 7.81
C GLY A 235 -26.69 -15.65 9.18
N GLU A 236 -26.45 -16.96 9.31
CA GLU A 236 -26.09 -17.54 10.59
C GLU A 236 -24.73 -17.04 11.07
N GLY A 237 -23.76 -16.92 10.15
CA GLY A 237 -22.45 -16.42 10.53
C GLY A 237 -22.52 -15.02 11.11
N TRP A 238 -23.42 -14.20 10.59
CA TRP A 238 -23.65 -12.88 11.18
C TRP A 238 -24.22 -13.01 12.59
N GLN A 239 -25.13 -13.98 12.79
CA GLN A 239 -25.73 -14.16 14.11
C GLN A 239 -24.70 -14.64 15.12
N GLN A 240 -23.81 -15.55 14.71
CA GLN A 240 -22.84 -16.14 15.64
C GLN A 240 -21.89 -15.10 16.20
N LEU A 241 -21.53 -14.09 15.40
CA LEU A 241 -20.64 -13.04 15.88
C LEU A 241 -21.33 -12.10 16.86
N ARG A 242 -22.66 -12.02 16.82
CA ARG A 242 -23.41 -11.17 17.74
C ARG A 242 -23.78 -11.89 19.02
N GLN A 243 -23.28 -13.11 19.23
CA GLN A 243 -23.29 -13.72 20.55
C GLN A 243 -21.89 -13.58 21.15
N GLY A 244 -21.51 -14.49 22.05
CA GLY A 244 -20.17 -14.48 22.59
C GLY A 244 -19.26 -15.44 21.87
N TYR A 245 -19.67 -15.86 20.68
CA TYR A 245 -19.01 -16.93 19.95
C TYR A 245 -18.01 -16.34 18.96
N LEU A 246 -16.73 -16.67 19.16
CA LEU A 246 -15.72 -16.42 18.14
C LEU A 246 -15.50 -17.68 17.31
N PRO A 247 -15.43 -17.56 15.99
CA PRO A 247 -15.23 -18.73 15.14
C PRO A 247 -13.86 -19.34 15.39
N PRO A 248 -13.81 -20.53 16.00
CA PRO A 248 -12.51 -21.13 16.32
C PRO A 248 -11.69 -21.47 15.10
N GLU A 249 -12.32 -21.55 13.92
CA GLU A 249 -11.58 -21.79 12.69
C GLU A 249 -10.61 -20.65 12.41
N PHE A 250 -11.03 -19.41 12.64
CA PHE A 250 -10.23 -18.25 12.29
C PHE A 250 -9.50 -17.63 13.47
N THR A 251 -10.07 -17.68 14.67
CA THR A 251 -9.45 -17.09 15.86
C THR A 251 -8.38 -17.97 16.49
N ALA A 252 -7.94 -19.03 15.80
CA ALA A 252 -6.99 -19.95 16.39
C ALA A 252 -5.63 -19.31 16.62
N GLY A 253 -5.22 -18.40 15.74
CA GLY A 253 -3.88 -17.83 15.83
C GLY A 253 -3.72 -16.71 16.82
N LEU A 254 -4.82 -16.22 17.39
CA LEU A 254 -4.75 -15.06 18.28
C LEU A 254 -4.08 -15.44 19.60
N SER A 255 -3.48 -14.44 20.23
CA SER A 255 -2.88 -14.63 21.54
C SER A 255 -3.95 -14.55 22.63
N SER A 256 -3.53 -14.88 23.86
CA SER A 256 -4.45 -14.83 24.99
C SER A 256 -4.90 -13.40 25.25
N GLU A 257 -3.96 -12.45 25.23
CA GLU A 257 -4.29 -11.06 25.50
C GLU A 257 -5.22 -10.49 24.42
N LEU A 258 -4.94 -10.82 23.15
CA LEU A 258 -5.75 -10.27 22.08
C LEU A 258 -7.13 -10.91 22.04
N ARG A 259 -7.21 -12.23 22.26
CA ARG A 259 -8.51 -12.88 22.32
C ARG A 259 -9.33 -12.37 23.50
N SER A 260 -8.66 -12.03 24.61
CA SER A 260 -9.37 -11.48 25.76
C SER A 260 -9.98 -10.12 25.46
N VAL A 261 -9.24 -9.26 24.75
CA VAL A 261 -9.75 -7.92 24.47
C VAL A 261 -10.91 -7.97 23.49
N LEU A 262 -10.81 -8.82 22.46
CA LEU A 262 -11.88 -8.91 21.48
C LEU A 262 -13.18 -9.44 22.10
N VAL A 263 -13.07 -10.40 23.02
CA VAL A 263 -14.26 -10.93 23.67
C VAL A 263 -14.99 -9.83 24.44
N MET A 264 -14.24 -8.92 25.07
CA MET A 264 -14.87 -7.83 25.80
C MET A 264 -15.52 -6.83 24.86
N MET A 265 -14.87 -6.54 23.72
CA MET A 265 -15.44 -5.58 22.78
C MET A 265 -16.66 -6.15 22.06
N LEU A 266 -16.71 -7.47 21.89
CA LEU A 266 -17.81 -8.12 21.19
C LEU A 266 -18.91 -8.60 22.13
N GLU A 267 -18.98 -8.06 23.35
CA GLU A 267 -20.03 -8.40 24.28
C GLU A 267 -21.39 -7.99 23.69
N PRO A 268 -22.34 -8.92 23.53
CA PRO A 268 -23.59 -8.56 22.85
C PRO A 268 -24.41 -7.52 23.62
N ASP A 269 -24.46 -7.61 24.94
CA ASP A 269 -25.23 -6.68 25.75
C ASP A 269 -24.46 -5.36 25.87
N PRO A 270 -24.98 -4.27 25.30
CA PRO A 270 -24.29 -2.98 25.42
C PRO A 270 -24.21 -2.48 26.85
N LYS A 271 -25.11 -2.92 27.73
CA LYS A 271 -25.01 -2.55 29.13
C LYS A 271 -23.77 -3.14 29.78
N LEU A 272 -23.27 -4.26 29.27
CA LEU A 272 -22.10 -4.94 29.81
C LEU A 272 -20.85 -4.74 28.97
N ARG A 273 -20.97 -4.20 27.77
CA ARG A 273 -19.83 -4.05 26.88
C ARG A 273 -18.85 -3.01 27.41
N ALA A 274 -17.57 -3.31 27.34
CA ALA A 274 -16.54 -2.41 27.84
C ALA A 274 -16.48 -1.15 27.02
N THR A 275 -16.18 -0.04 27.68
CA THR A 275 -16.04 1.25 27.02
C THR A 275 -14.62 1.42 26.50
N ALA A 276 -14.44 2.43 25.65
CA ALA A 276 -13.12 2.72 25.11
C ALA A 276 -12.15 3.15 26.21
N GLU A 277 -12.62 3.96 27.15
CA GLU A 277 -11.79 4.36 28.28
C GLU A 277 -11.38 3.15 29.11
N ALA A 278 -12.29 2.20 29.30
CA ALA A 278 -11.97 1.01 30.09
C ALA A 278 -10.93 0.15 29.40
N LEU A 279 -11.06 -0.04 28.08
CA LEU A 279 -10.10 -0.85 27.35
C LEU A 279 -8.72 -0.22 27.36
N LEU A 280 -8.64 1.11 27.26
CA LEU A 280 -7.38 1.82 27.23
C LEU A 280 -6.64 1.76 28.55
N ALA A 281 -7.33 1.44 29.65
CA ALA A 281 -6.71 1.32 30.96
C ALA A 281 -6.22 -0.09 31.26
N LEU A 282 -6.38 -1.03 30.34
CA LEU A 282 -5.92 -2.39 30.55
C LEU A 282 -4.40 -2.45 30.44
N PRO A 283 -3.76 -3.46 31.06
CA PRO A 283 -2.29 -3.52 31.01
C PRO A 283 -1.72 -3.59 29.61
N VAL A 284 -2.37 -4.31 28.70
CA VAL A 284 -1.81 -4.48 27.36
C VAL A 284 -1.94 -3.21 26.54
N LEU A 285 -2.99 -2.42 26.80
CA LEU A 285 -3.26 -1.19 26.03
C LEU A 285 -2.83 0.08 26.74
N ARG A 286 -2.31 -0.03 27.97
CA ARG A 286 -1.89 1.15 28.71
C ARG A 286 -0.67 1.81 28.08
N GLN A 287 0.00 1.10 27.18
CA GLN A 287 1.15 1.58 26.38
C GLN A 287 1.39 3.09 26.40
N HIS B 1 -10.58 -18.30 -37.24
CA HIS B 1 -9.95 -19.23 -36.30
C HIS B 1 -9.00 -18.50 -35.35
N GLN B 2 -8.75 -19.10 -34.19
CA GLN B 2 -8.01 -18.47 -33.11
C GLN B 2 -6.77 -19.29 -32.79
N LEU B 3 -5.63 -18.62 -32.65
CA LEU B 3 -4.43 -19.27 -32.14
C LEU B 3 -4.64 -19.68 -30.69
N GLN B 4 -4.39 -20.95 -30.39
CA GLN B 4 -4.45 -21.39 -29.01
C GLN B 4 -3.38 -20.65 -28.20
N PRO B 5 -3.59 -20.50 -26.89
CA PRO B 5 -2.55 -19.86 -26.06
C PRO B 5 -1.25 -20.65 -26.14
N ARG B 6 -0.19 -19.97 -26.59
CA ARG B 6 1.11 -20.59 -26.76
C ARG B 6 2.01 -20.18 -25.60
N ARG B 7 2.56 -21.18 -24.92
CA ARG B 7 3.55 -20.94 -23.87
C ARG B 7 4.76 -20.22 -24.44
N VAL B 8 5.26 -19.23 -23.70
CA VAL B 8 6.44 -18.46 -24.09
C VAL B 8 7.60 -18.90 -23.22
N SER B 9 8.63 -19.44 -23.84
CA SER B 9 9.80 -19.93 -23.13
C SER B 9 11.00 -19.91 -24.07
N PHE B 10 12.19 -20.04 -23.48
CA PHE B 10 13.43 -20.05 -24.24
C PHE B 10 14.27 -21.29 -23.94
N ARG B 11 13.65 -22.36 -23.46
CA ARG B 11 14.38 -23.59 -23.15
C ARG B 11 14.62 -24.41 -24.41
N SER B 20 -2.89 -27.21 -19.29
CA SER B 20 -3.44 -27.23 -17.94
C SER B 20 -4.89 -27.70 -17.97
N PRO B 21 -5.17 -28.84 -17.33
CA PRO B 21 -6.53 -29.38 -17.33
C PRO B 21 -7.54 -28.37 -16.83
N GLY B 22 -8.76 -28.48 -17.36
CA GLY B 22 -9.82 -27.54 -17.11
C GLY B 22 -10.00 -26.50 -18.20
N TYR B 23 -8.93 -26.16 -18.91
CA TYR B 23 -9.02 -25.20 -20.00
C TYR B 23 -9.65 -25.87 -21.22
N ASP B 24 -10.82 -25.39 -21.61
CA ASP B 24 -11.55 -25.90 -22.76
C ASP B 24 -11.42 -24.92 -23.92
N PRO B 25 -10.66 -25.23 -24.97
CA PRO B 25 -10.45 -24.27 -26.06
C PRO B 25 -11.70 -23.96 -26.87
N SER B 26 -12.79 -24.73 -26.68
CA SER B 26 -13.99 -24.50 -27.48
C SER B 26 -14.66 -23.17 -27.16
N ARG B 27 -14.54 -22.70 -25.92
CA ARG B 27 -15.17 -21.47 -25.47
C ARG B 27 -14.32 -20.26 -25.82
N PRO B 28 -14.94 -19.09 -25.98
CA PRO B 28 -14.19 -17.91 -26.41
C PRO B 28 -13.41 -17.21 -25.31
N GLU B 29 -13.63 -17.55 -24.03
CA GLU B 29 -12.88 -16.93 -22.96
C GLU B 29 -11.40 -17.26 -23.09
N SER B 30 -10.56 -16.27 -22.81
CA SER B 30 -9.12 -16.46 -22.89
C SER B 30 -8.64 -17.47 -21.85
N PHE B 31 -7.42 -17.96 -22.04
CA PHE B 31 -6.80 -18.83 -21.05
C PHE B 31 -6.71 -18.14 -19.69
N PHE B 32 -6.45 -16.83 -19.71
CA PHE B 32 -6.33 -16.08 -18.45
C PHE B 32 -7.65 -16.07 -17.70
N GLN B 33 -8.75 -15.80 -18.41
CA GLN B 33 -10.06 -15.78 -17.77
C GLN B 33 -10.59 -17.17 -17.46
N GLN B 34 -10.15 -18.18 -18.22
CA GLN B 34 -10.67 -19.53 -18.02
C GLN B 34 -9.94 -20.27 -16.91
N SER B 35 -8.66 -19.93 -16.68
CA SER B 35 -7.83 -20.69 -15.76
C SER B 35 -7.58 -19.99 -14.43
N PHE B 36 -8.06 -18.77 -14.25
CA PHE B 36 -7.68 -18.00 -13.07
C PHE B 36 -8.86 -17.24 -12.51
N GLN B 37 -8.82 -17.02 -11.20
CA GLN B 37 -9.83 -16.27 -10.47
C GLN B 37 -9.27 -14.89 -10.17
N ARG B 38 -9.80 -13.87 -10.85
CA ARG B 38 -9.28 -12.51 -10.75
C ARG B 38 -9.71 -11.90 -9.42
N LEU B 39 -8.79 -11.88 -8.46
CA LEU B 39 -9.09 -11.39 -7.11
C LEU B 39 -8.96 -9.88 -6.98
N SER B 40 -7.82 -9.32 -7.40
CA SER B 40 -7.59 -7.88 -7.26
C SER B 40 -6.51 -7.46 -8.25
N ARG B 41 -6.41 -6.15 -8.45
CA ARG B 41 -5.37 -5.57 -9.29
C ARG B 41 -4.29 -4.97 -8.41
N LEU B 42 -3.05 -5.44 -8.59
CA LEU B 42 -1.94 -4.96 -7.78
C LEU B 42 -1.33 -3.68 -8.34
N GLY B 43 -1.34 -3.52 -9.66
CA GLY B 43 -0.76 -2.34 -10.26
C GLY B 43 -1.14 -2.24 -11.71
N HIS B 44 -0.81 -1.08 -12.30
CA HIS B 44 -1.07 -0.80 -13.71
C HIS B 44 -0.15 0.33 -14.14
N GLY B 45 -0.05 0.50 -15.45
CA GLY B 45 0.78 1.58 -15.98
C GLY B 45 0.84 1.51 -17.50
N SER B 46 1.89 2.13 -18.05
CA SER B 46 2.07 2.16 -19.50
C SER B 46 2.31 0.78 -20.07
N TYR B 47 2.83 -0.15 -19.25
CA TYR B 47 3.07 -1.51 -19.73
C TYR B 47 1.77 -2.29 -19.85
N GLY B 48 0.89 -2.15 -18.86
CA GLY B 48 -0.31 -2.96 -18.77
C GLY B 48 -0.84 -3.01 -17.35
N GLU B 49 -1.18 -4.22 -16.88
CA GLU B 49 -1.80 -4.39 -15.58
C GLU B 49 -1.25 -5.63 -14.90
N VAL B 50 -1.31 -5.63 -13.57
CA VAL B 50 -0.89 -6.76 -12.74
C VAL B 50 -2.04 -7.12 -11.82
N PHE B 51 -2.42 -8.39 -11.80
CA PHE B 51 -3.56 -8.87 -11.01
C PHE B 51 -3.11 -9.94 -10.03
N LYS B 52 -3.74 -9.94 -8.86
CA LYS B 52 -3.62 -11.04 -7.90
C LYS B 52 -4.72 -12.05 -8.19
N VAL B 53 -4.34 -13.31 -8.38
CA VAL B 53 -5.26 -14.33 -8.85
C VAL B 53 -5.12 -15.60 -8.03
N ARG B 54 -6.15 -16.43 -8.09
CA ARG B 54 -6.12 -17.80 -7.58
C ARG B 54 -6.23 -18.75 -8.75
N SER B 55 -5.39 -19.78 -8.76
CA SER B 55 -5.37 -20.73 -9.85
C SER B 55 -6.50 -21.74 -9.69
N LYS B 56 -7.32 -21.89 -10.74
CA LYS B 56 -8.40 -22.87 -10.72
C LYS B 56 -7.89 -24.29 -10.85
N GLU B 57 -6.58 -24.50 -11.02
CA GLU B 57 -6.00 -25.82 -11.19
C GLU B 57 -5.53 -26.41 -9.87
N ASP B 58 -4.71 -25.68 -9.12
CA ASP B 58 -4.19 -26.15 -7.84
C ASP B 58 -4.72 -25.39 -6.64
N GLY B 59 -5.50 -24.32 -6.84
CA GLY B 59 -6.03 -23.55 -5.73
C GLY B 59 -5.06 -22.58 -5.10
N ARG B 60 -3.80 -22.54 -5.53
CA ARG B 60 -2.82 -21.65 -4.94
C ARG B 60 -2.94 -20.25 -5.52
N LEU B 61 -2.35 -19.29 -4.82
CA LEU B 61 -2.41 -17.88 -5.22
C LEU B 61 -1.19 -17.52 -6.05
N TYR B 62 -1.43 -16.69 -7.07
CA TYR B 62 -0.37 -16.25 -7.97
C TYR B 62 -0.63 -14.79 -8.36
N ALA B 63 0.36 -14.20 -9.01
CA ALA B 63 0.26 -12.86 -9.58
C ALA B 63 0.51 -12.94 -11.07
N VAL B 64 -0.33 -12.25 -11.84
CA VAL B 64 -0.27 -12.30 -13.30
C VAL B 64 -0.15 -10.89 -13.83
N LYS B 65 0.85 -10.66 -14.68
CA LYS B 65 1.04 -9.38 -15.36
C LYS B 65 0.62 -9.53 -16.82
N ARG B 66 -0.11 -8.52 -17.31
CA ARG B 66 -0.69 -8.55 -18.63
C ARG B 66 -0.33 -7.28 -19.39
N SER B 67 0.15 -7.44 -20.63
CA SER B 67 0.44 -6.29 -21.46
C SER B 67 -0.85 -5.58 -21.86
N MET B 68 -0.74 -4.28 -22.13
CA MET B 68 -1.93 -3.46 -22.33
C MET B 68 -2.54 -3.68 -23.72
N SER B 69 -1.75 -3.49 -24.77
CA SER B 69 -2.25 -3.52 -26.13
C SER B 69 -1.64 -4.68 -26.91
N PRO B 70 -2.32 -5.18 -27.95
CA PRO B 70 -1.73 -6.24 -28.77
C PRO B 70 -0.42 -5.82 -29.39
N PHE B 71 0.37 -6.82 -29.77
CA PHE B 71 1.70 -6.57 -30.34
C PHE B 71 1.59 -5.67 -31.56
N ARG B 72 2.43 -4.62 -31.57
CA ARG B 72 2.43 -3.69 -32.70
C ARG B 72 3.16 -4.28 -33.91
N GLY B 73 4.23 -5.02 -33.67
CA GLY B 73 4.99 -5.65 -34.73
C GLY B 73 5.91 -6.72 -34.20
N PRO B 74 6.74 -7.30 -35.07
CA PRO B 74 7.76 -8.25 -34.59
C PRO B 74 8.73 -7.61 -33.61
N LYS B 75 9.04 -6.32 -33.77
CA LYS B 75 9.92 -5.66 -32.83
C LYS B 75 9.25 -5.50 -31.47
N ASP B 76 8.01 -5.02 -31.46
CA ASP B 76 7.28 -4.87 -30.19
C ASP B 76 7.11 -6.21 -29.51
N ARG B 77 6.85 -7.27 -30.27
CA ARG B 77 6.64 -8.59 -29.68
C ARG B 77 7.93 -9.15 -29.09
N ALA B 78 9.03 -9.06 -29.84
CA ALA B 78 10.30 -9.55 -29.34
C ALA B 78 10.77 -8.78 -28.12
N ARG B 79 10.41 -7.49 -28.04
CA ARG B 79 10.81 -6.68 -26.89
C ARG B 79 10.08 -7.11 -25.64
N LYS B 80 8.76 -7.28 -25.73
CA LYS B 80 7.98 -7.72 -24.57
C LYS B 80 8.34 -9.13 -24.16
N LEU B 81 8.47 -10.05 -25.13
CA LEU B 81 8.79 -11.44 -24.82
C LEU B 81 10.16 -11.61 -24.21
N ALA B 82 11.06 -10.63 -24.38
CA ALA B 82 12.42 -10.78 -23.88
C ALA B 82 12.46 -10.83 -22.36
N GLU B 83 11.47 -10.23 -21.69
CA GLU B 83 11.44 -10.29 -20.23
C GLU B 83 11.30 -11.73 -19.74
N VAL B 84 10.54 -12.55 -20.48
CA VAL B 84 10.44 -13.96 -20.14
C VAL B 84 11.79 -14.64 -20.26
N GLY B 85 12.57 -14.26 -21.27
CA GLY B 85 13.89 -14.84 -21.44
C GLY B 85 14.84 -14.46 -20.33
N SER B 86 14.85 -13.18 -19.95
CA SER B 86 15.71 -12.74 -18.86
C SER B 86 15.28 -13.37 -17.53
N HIS B 87 13.97 -13.50 -17.31
CA HIS B 87 13.48 -14.10 -16.08
C HIS B 87 13.85 -15.58 -15.99
N GLU B 88 13.94 -16.27 -17.13
CA GLU B 88 14.29 -17.69 -17.11
C GLU B 88 15.78 -17.92 -16.88
N LYS B 89 16.62 -16.96 -17.25
CA LYS B 89 18.05 -17.07 -16.97
C LYS B 89 18.36 -16.98 -15.48
N VAL B 90 17.48 -16.36 -14.69
CA VAL B 90 17.72 -16.25 -13.26
C VAL B 90 17.65 -17.61 -12.59
N GLY B 91 16.55 -18.33 -12.80
CA GLY B 91 16.36 -19.62 -12.18
C GLY B 91 15.83 -19.50 -10.76
N GLN B 92 15.65 -20.67 -10.14
CA GLN B 92 15.08 -20.73 -8.81
C GLN B 92 16.04 -20.12 -7.78
N HIS B 93 15.50 -19.26 -6.91
CA HIS B 93 16.24 -18.72 -5.79
C HIS B 93 15.25 -18.16 -4.77
N PRO B 94 15.48 -18.36 -3.48
CA PRO B 94 14.50 -17.89 -2.47
C PRO B 94 14.34 -16.38 -2.44
N CYS B 95 15.33 -15.62 -2.92
CA CYS B 95 15.29 -14.16 -2.86
C CYS B 95 14.97 -13.52 -4.22
N CYS B 96 14.50 -14.32 -5.18
CA CYS B 96 14.09 -13.83 -6.49
C CYS B 96 12.64 -14.20 -6.74
N VAL B 97 11.88 -13.29 -7.34
CA VAL B 97 10.49 -13.57 -7.65
C VAL B 97 10.44 -14.71 -8.66
N ARG B 98 9.85 -15.82 -8.25
CA ARG B 98 9.85 -17.04 -9.06
C ARG B 98 8.84 -16.91 -10.18
N LEU B 99 9.31 -17.08 -11.42
CA LEU B 99 8.42 -17.14 -12.58
C LEU B 99 7.87 -18.56 -12.72
N GLU B 100 6.54 -18.67 -12.69
CA GLU B 100 5.91 -19.98 -12.88
C GLU B 100 5.83 -20.33 -14.36
N GLN B 101 5.18 -19.48 -15.15
CA GLN B 101 5.08 -19.69 -16.59
C GLN B 101 4.65 -18.40 -17.26
N ALA B 102 4.83 -18.34 -18.58
CA ALA B 102 4.41 -17.20 -19.37
C ALA B 102 3.81 -17.72 -20.67
N TRP B 103 2.84 -16.97 -21.20
CA TRP B 103 2.18 -17.37 -22.43
C TRP B 103 1.68 -16.14 -23.17
N GLU B 104 1.34 -16.33 -24.44
CA GLU B 104 0.81 -15.28 -25.29
C GLU B 104 -0.49 -15.73 -25.92
N GLU B 105 -1.45 -14.81 -26.03
CA GLU B 105 -2.71 -15.08 -26.70
C GLU B 105 -3.32 -13.75 -27.11
N GLY B 106 -3.85 -13.70 -28.34
CA GLY B 106 -4.45 -12.48 -28.84
C GLY B 106 -3.49 -11.32 -28.93
N GLY B 107 -2.20 -11.59 -29.15
CA GLY B 107 -1.20 -10.55 -29.14
C GLY B 107 -0.89 -9.98 -27.78
N ILE B 108 -1.33 -10.62 -26.70
CA ILE B 108 -1.13 -10.13 -25.34
C ILE B 108 -0.19 -11.08 -24.62
N LEU B 109 0.78 -10.53 -23.90
CA LEU B 109 1.75 -11.31 -23.15
C LEU B 109 1.32 -11.41 -21.69
N TYR B 110 1.36 -12.61 -21.14
CA TYR B 110 1.02 -12.86 -19.75
C TYR B 110 2.21 -13.49 -19.03
N LEU B 111 2.51 -12.99 -17.83
CA LEU B 111 3.54 -13.54 -16.97
C LEU B 111 2.91 -13.91 -15.63
N GLN B 112 3.01 -15.19 -15.26
CA GLN B 112 2.50 -15.69 -14.00
C GLN B 112 3.67 -15.98 -13.06
N THR B 113 3.66 -15.37 -11.88
CA THR B 113 4.73 -15.52 -10.90
C THR B 113 4.11 -15.86 -9.55
N GLU B 114 4.97 -16.10 -8.56
CA GLU B 114 4.51 -16.25 -7.20
C GLU B 114 3.98 -14.92 -6.67
N LEU B 115 3.01 -15.00 -5.77
CA LEU B 115 2.41 -13.78 -5.22
C LEU B 115 3.26 -13.26 -4.08
N CYS B 116 3.62 -11.98 -4.14
CA CYS B 116 4.40 -11.34 -3.10
C CYS B 116 3.60 -10.18 -2.50
N GLY B 117 4.18 -9.57 -1.47
CA GLY B 117 3.54 -8.47 -0.79
C GLY B 117 3.79 -7.14 -1.47
N PRO B 118 3.58 -6.05 -0.74
CA PRO B 118 3.84 -4.73 -1.31
C PRO B 118 5.32 -4.52 -1.62
N SER B 119 5.59 -3.59 -2.51
CA SER B 119 6.97 -3.25 -2.83
C SER B 119 7.60 -2.47 -1.69
N LEU B 120 8.93 -2.42 -1.69
CA LEU B 120 9.65 -1.63 -0.69
C LEU B 120 9.29 -0.15 -0.82
N GLN B 121 8.99 0.31 -2.03
CA GLN B 121 8.53 1.68 -2.21
C GLN B 121 7.19 1.90 -1.52
N GLN B 122 6.24 0.97 -1.72
CA GLN B 122 4.94 1.09 -1.08
C GLN B 122 5.07 1.14 0.44
N HIS B 123 5.96 0.30 1.00
CA HIS B 123 6.09 0.22 2.45
C HIS B 123 6.66 1.50 3.02
N CYS B 124 7.65 2.09 2.35
CA CYS B 124 8.24 3.33 2.86
C CYS B 124 7.26 4.49 2.79
N GLU B 125 6.44 4.55 1.74
CA GLU B 125 5.43 5.60 1.64
C GLU B 125 4.43 5.49 2.79
N ALA B 126 3.97 4.27 3.08
CA ALA B 126 3.05 4.07 4.20
C ALA B 126 3.72 4.35 5.53
N TRP B 127 5.01 4.00 5.66
CA TRP B 127 5.72 4.25 6.90
C TRP B 127 5.98 5.75 7.09
N GLY B 128 6.11 6.50 6.01
CA GLY B 128 6.21 7.94 6.09
C GLY B 128 7.44 8.47 6.80
N ALA B 129 8.49 7.65 6.93
CA ALA B 129 9.71 8.08 7.61
C ALA B 129 10.81 7.10 7.24
N SER B 130 12.00 7.32 7.81
CA SER B 130 13.08 6.37 7.64
C SER B 130 12.69 5.03 8.24
N LEU B 131 12.99 3.96 7.53
CA LEU B 131 12.72 2.63 8.05
C LEU B 131 13.61 2.35 9.24
N PRO B 132 13.11 1.65 10.26
CA PRO B 132 13.97 1.22 11.36
C PRO B 132 15.12 0.37 10.84
N GLU B 133 16.31 0.58 11.41
CA GLU B 133 17.52 0.03 10.82
C GLU B 133 17.55 -1.50 10.87
N ALA B 134 16.96 -2.10 11.90
CA ALA B 134 16.86 -3.56 11.96
C ALA B 134 16.07 -4.09 10.77
N GLN B 135 15.05 -3.34 10.33
CA GLN B 135 14.30 -3.73 9.13
C GLN B 135 15.12 -3.55 7.87
N VAL B 136 16.01 -2.54 7.85
CA VAL B 136 16.80 -2.27 6.66
C VAL B 136 17.83 -3.38 6.44
N TRP B 137 18.43 -3.89 7.52
CA TRP B 137 19.43 -4.93 7.40
C TRP B 137 18.86 -6.18 6.74
N GLY B 138 17.62 -6.54 7.05
CA GLY B 138 17.02 -7.70 6.44
C GLY B 138 16.81 -7.54 4.94
N TYR B 139 16.27 -6.39 4.54
CA TYR B 139 16.08 -6.12 3.12
C TYR B 139 17.41 -6.00 2.39
N LEU B 140 18.43 -5.48 3.06
CA LEU B 140 19.75 -5.39 2.43
C LEU B 140 20.34 -6.78 2.20
N ARG B 141 20.23 -7.66 3.20
CA ARG B 141 20.82 -8.99 3.08
C ARG B 141 20.12 -9.82 2.02
N ASP B 142 18.78 -9.78 2.00
CA ASP B 142 18.04 -10.61 1.06
C ASP B 142 18.26 -10.16 -0.38
N THR B 143 18.35 -8.85 -0.62
CA THR B 143 18.62 -8.37 -1.96
C THR B 143 20.05 -8.67 -2.39
N LEU B 144 21.00 -8.62 -1.45
CA LEU B 144 22.37 -9.02 -1.75
C LEU B 144 22.43 -10.49 -2.11
N LEU B 145 21.64 -11.32 -1.43
CA LEU B 145 21.59 -12.75 -1.76
C LEU B 145 21.04 -12.95 -3.17
N ALA B 146 20.04 -12.16 -3.56
CA ALA B 146 19.52 -12.22 -4.91
C ALA B 146 20.54 -11.75 -5.93
N LEU B 147 21.25 -10.65 -5.62
CA LEU B 147 22.24 -10.13 -6.56
C LEU B 147 23.41 -11.10 -6.71
N ALA B 148 23.88 -11.67 -5.59
CA ALA B 148 24.94 -12.66 -5.66
C ALA B 148 24.53 -13.88 -6.48
N HIS B 149 23.25 -14.23 -6.46
CA HIS B 149 22.74 -15.30 -7.31
C HIS B 149 22.79 -14.89 -8.78
N LEU B 150 22.35 -13.67 -9.09
CA LEU B 150 22.38 -13.20 -10.46
C LEU B 150 23.81 -13.03 -10.95
N HIS B 151 24.67 -12.46 -10.11
CA HIS B 151 26.02 -12.10 -10.55
C HIS B 151 26.91 -13.32 -10.75
N SER B 152 26.64 -14.40 -10.02
CA SER B 152 27.41 -15.63 -10.21
C SER B 152 27.18 -16.25 -11.58
N GLN B 153 26.10 -15.87 -12.27
CA GLN B 153 25.80 -16.36 -13.60
C GLN B 153 26.08 -15.32 -14.68
N GLY B 154 26.80 -14.26 -14.36
CA GLY B 154 27.05 -13.21 -15.34
C GLY B 154 25.85 -12.39 -15.70
N LEU B 155 24.85 -12.31 -14.83
CA LEU B 155 23.63 -11.56 -15.06
C LEU B 155 23.67 -10.25 -14.28
N VAL B 156 23.21 -9.17 -14.90
CA VAL B 156 23.14 -7.86 -14.29
C VAL B 156 21.69 -7.39 -14.33
N HIS B 157 21.15 -7.02 -13.16
CA HIS B 157 19.74 -6.64 -13.09
C HIS B 157 19.49 -5.30 -13.74
N LEU B 158 20.31 -4.30 -13.43
CA LEU B 158 20.31 -2.96 -14.01
C LEU B 158 19.11 -2.10 -13.62
N ASP B 159 18.24 -2.58 -12.74
CA ASP B 159 17.11 -1.77 -12.30
C ASP B 159 16.76 -2.11 -10.85
N VAL B 160 17.78 -2.15 -10.00
CA VAL B 160 17.56 -2.37 -8.57
C VAL B 160 17.08 -1.05 -7.95
N LYS B 161 15.88 -1.06 -7.41
CA LYS B 161 15.29 0.11 -6.77
C LYS B 161 14.11 -0.34 -5.91
N PRO B 162 13.65 0.49 -4.97
CA PRO B 162 12.55 0.08 -4.09
C PRO B 162 11.31 -0.43 -4.81
N ALA B 163 11.04 0.06 -6.02
CA ALA B 163 9.84 -0.39 -6.74
C ALA B 163 9.96 -1.82 -7.22
N ASN B 164 11.17 -2.37 -7.31
CA ASN B 164 11.39 -3.72 -7.81
C ASN B 164 11.81 -4.68 -6.71
N ILE B 165 11.59 -4.31 -5.46
CA ILE B 165 11.85 -5.17 -4.31
C ILE B 165 10.53 -5.41 -3.59
N PHE B 166 10.13 -6.66 -3.48
CA PHE B 166 8.82 -7.04 -2.96
C PHE B 166 8.97 -7.76 -1.63
N LEU B 167 8.22 -7.30 -0.64
CA LEU B 167 8.39 -7.77 0.73
C LEU B 167 7.61 -9.07 0.97
N GLY B 168 8.19 -9.94 1.78
CA GLY B 168 7.51 -11.13 2.23
C GLY B 168 7.31 -11.10 3.73
N PRO B 169 6.72 -12.16 4.28
CA PRO B 169 6.51 -12.20 5.73
C PRO B 169 7.82 -12.38 6.48
N ARG B 170 7.78 -12.00 7.76
CA ARG B 170 8.92 -12.14 8.68
C ARG B 170 10.14 -11.34 8.22
N GLY B 171 9.91 -10.19 7.60
CA GLY B 171 10.99 -9.28 7.25
C GLY B 171 11.78 -9.63 6.02
N ARG B 172 11.34 -10.62 5.23
CA ARG B 172 12.06 -11.01 4.03
C ARG B 172 11.60 -10.17 2.83
N CYS B 173 12.36 -10.28 1.73
CA CYS B 173 12.03 -9.58 0.51
C CYS B 173 12.65 -10.33 -0.68
N LYS B 174 12.09 -10.07 -1.86
CA LYS B 174 12.54 -10.69 -3.10
C LYS B 174 12.82 -9.62 -4.14
N LEU B 175 13.79 -9.89 -5.00
CA LEU B 175 14.11 -9.02 -6.11
C LEU B 175 13.32 -9.47 -7.35
N GLY B 176 12.69 -8.52 -8.03
CA GLY B 176 11.86 -8.84 -9.18
C GLY B 176 12.02 -7.88 -10.34
N ASP B 177 11.11 -7.98 -11.31
CA ASP B 177 11.12 -7.17 -12.52
C ASP B 177 12.46 -7.28 -13.24
N PHE B 178 12.66 -8.36 -14.00
CA PHE B 178 13.90 -8.61 -14.71
C PHE B 178 13.82 -8.17 -16.18
N GLY B 179 13.05 -7.12 -16.47
CA GLY B 179 12.89 -6.68 -17.84
C GLY B 179 14.14 -6.02 -18.40
N LEU B 180 14.99 -5.48 -17.53
CA LEU B 180 16.24 -4.83 -17.94
C LEU B 180 17.45 -5.72 -17.78
N LEU B 181 17.26 -6.97 -17.34
CA LEU B 181 18.39 -7.85 -17.06
C LEU B 181 19.16 -8.16 -18.35
N VAL B 182 20.48 -8.22 -18.23
CA VAL B 182 21.35 -8.54 -19.35
C VAL B 182 22.33 -9.62 -18.92
N GLU B 183 22.73 -10.45 -19.88
CA GLU B 183 23.75 -11.46 -19.66
C GLU B 183 25.06 -10.96 -20.28
N LEU B 184 26.06 -10.77 -19.44
CA LEU B 184 27.35 -10.25 -19.90
C LEU B 184 28.00 -11.22 -20.87
N GLY B 185 28.43 -10.70 -22.02
CA GLY B 185 29.09 -11.51 -23.03
C GLY B 185 29.66 -10.68 -24.17
N ALA B 189 23.47 -11.06 -25.45
CA ALA B 189 24.62 -10.58 -24.69
C ALA B 189 25.11 -9.23 -25.23
N GLY B 190 24.61 -8.14 -24.64
CA GLY B 190 25.09 -6.83 -25.00
C GLY B 190 24.07 -5.94 -25.66
N GLU B 191 22.89 -5.81 -25.06
CA GLU B 191 21.87 -4.86 -25.51
C GLU B 191 21.16 -4.32 -24.28
N VAL B 192 21.26 -3.01 -24.07
CA VAL B 192 20.83 -2.38 -22.83
C VAL B 192 19.76 -1.33 -23.12
N GLN B 193 18.84 -1.17 -22.18
CA GLN B 193 17.81 -0.14 -22.21
C GLN B 193 18.11 0.92 -21.16
N GLU B 194 17.32 1.99 -21.19
CA GLU B 194 17.51 3.09 -20.25
C GLU B 194 17.08 2.67 -18.85
N GLY B 195 17.99 2.78 -17.88
CA GLY B 195 17.65 2.58 -16.49
C GLY B 195 17.23 3.88 -15.82
N ASP B 196 16.87 3.76 -14.55
CA ASP B 196 16.51 4.95 -13.77
C ASP B 196 17.78 5.70 -13.39
N PRO B 197 17.92 6.97 -13.79
CA PRO B 197 19.17 7.70 -13.51
C PRO B 197 19.41 7.95 -12.04
N ARG B 198 18.37 7.94 -11.20
CA ARG B 198 18.54 8.18 -9.78
C ARG B 198 19.34 7.06 -9.10
N TYR B 199 19.25 5.85 -9.63
CA TYR B 199 19.95 4.70 -9.07
C TYR B 199 21.11 4.24 -9.94
N MET B 200 21.51 5.05 -10.92
CA MET B 200 22.49 4.62 -11.91
C MET B 200 23.91 4.71 -11.35
N ALA B 201 24.72 3.70 -11.66
CA ALA B 201 26.12 3.73 -11.28
C ALA B 201 26.88 4.72 -12.17
N PRO B 202 27.92 5.36 -11.66
CA PRO B 202 28.63 6.37 -12.47
C PRO B 202 29.31 5.78 -13.70
N GLU B 203 29.82 4.55 -13.61
CA GLU B 203 30.51 3.97 -14.76
C GLU B 203 29.55 3.65 -15.91
N LEU B 204 28.25 3.60 -15.65
CA LEU B 204 27.30 3.38 -16.74
C LEU B 204 27.26 4.57 -17.70
N LEU B 205 27.64 5.76 -17.22
CA LEU B 205 27.72 6.91 -18.10
C LEU B 205 28.70 6.68 -19.24
N GLN B 206 29.85 6.08 -18.94
CA GLN B 206 30.88 5.81 -19.94
C GLN B 206 30.69 4.47 -20.65
N GLY B 207 29.49 3.89 -20.56
CA GLY B 207 29.22 2.64 -21.25
C GLY B 207 29.98 1.45 -20.71
N SER B 208 30.35 1.48 -19.42
CA SER B 208 31.06 0.38 -18.76
C SER B 208 30.05 -0.38 -17.91
N TYR B 209 29.61 -1.53 -18.39
CA TYR B 209 28.59 -2.32 -17.74
C TYR B 209 29.19 -3.53 -17.04
N GLY B 210 28.62 -3.89 -15.90
CA GLY B 210 29.09 -5.03 -15.13
C GLY B 210 28.20 -5.24 -13.93
N THR B 211 28.51 -6.31 -13.19
CA THR B 211 27.73 -6.63 -11.99
C THR B 211 27.90 -5.58 -10.90
N ALA B 212 28.98 -4.81 -10.96
CA ALA B 212 29.21 -3.75 -9.98
C ALA B 212 28.13 -2.68 -10.02
N ALA B 213 27.43 -2.53 -11.15
CA ALA B 213 26.38 -1.53 -11.26
C ALA B 213 25.21 -1.84 -10.33
N ASP B 214 24.91 -3.13 -10.12
CA ASP B 214 23.82 -3.50 -9.24
C ASP B 214 24.13 -3.18 -7.80
N VAL B 215 25.40 -3.33 -7.39
CA VAL B 215 25.78 -3.05 -6.01
C VAL B 215 25.64 -1.56 -5.71
N PHE B 216 25.96 -0.71 -6.68
CA PHE B 216 25.80 0.73 -6.48
C PHE B 216 24.33 1.12 -6.42
N SER B 217 23.50 0.52 -7.28
CA SER B 217 22.07 0.82 -7.26
C SER B 217 21.44 0.38 -5.94
N LEU B 218 21.87 -0.76 -5.42
CA LEU B 218 21.36 -1.21 -4.12
C LEU B 218 21.83 -0.31 -2.99
N GLY B 219 23.04 0.25 -3.10
CA GLY B 219 23.52 1.17 -2.08
C GLY B 219 22.69 2.43 -2.01
N LEU B 220 22.33 2.98 -3.17
CA LEU B 220 21.44 4.14 -3.19
C LEU B 220 20.02 3.76 -2.78
N THR B 221 19.60 2.52 -3.06
CA THR B 221 18.31 2.04 -2.59
C THR B 221 18.25 2.02 -1.07
N ILE B 222 19.29 1.47 -0.43
CA ILE B 222 19.33 1.40 1.02
C ILE B 222 19.47 2.80 1.61
N LEU B 223 20.28 3.66 0.99
CA LEU B 223 20.43 5.03 1.45
C LEU B 223 19.10 5.78 1.40
N GLU B 224 18.26 5.45 0.40
CA GLU B 224 16.99 6.14 0.25
C GLU B 224 15.98 5.73 1.31
N VAL B 225 15.90 4.44 1.61
CA VAL B 225 14.87 3.96 2.52
C VAL B 225 15.31 4.04 3.99
N ALA B 226 16.60 3.95 4.27
CA ALA B 226 17.09 4.05 5.64
C ALA B 226 17.22 5.49 6.11
N CYS B 227 17.23 6.46 5.19
CA CYS B 227 17.34 7.87 5.54
C CYS B 227 16.17 8.70 5.06
N ASN B 228 15.26 8.12 4.27
CA ASN B 228 14.07 8.82 3.78
C ASN B 228 14.46 10.09 3.00
N MET B 229 15.43 9.95 2.12
CA MET B 229 15.90 11.05 1.29
C MET B 229 15.58 10.77 -0.17
N GLU B 230 15.16 11.82 -0.87
CA GLU B 230 14.80 11.72 -2.29
C GLU B 230 16.07 11.71 -3.13
N LEU B 231 16.13 10.78 -4.10
CA LEU B 231 17.35 10.76 -4.89
C LEU B 231 17.23 11.71 -6.07
N PRO B 232 18.31 12.42 -6.41
CA PRO B 232 18.25 13.37 -7.53
C PRO B 232 18.40 12.69 -8.88
N HIS B 233 17.69 13.25 -9.86
CA HIS B 233 17.83 12.80 -11.24
C HIS B 233 19.07 13.37 -11.92
N GLY B 234 19.60 14.48 -11.41
CA GLY B 234 20.76 15.10 -12.03
C GLY B 234 21.27 16.22 -11.16
N GLY B 235 22.10 17.07 -11.77
CA GLY B 235 22.68 18.18 -11.05
C GLY B 235 23.84 17.76 -10.17
N GLU B 236 24.29 18.72 -9.34
CA GLU B 236 25.42 18.45 -8.46
C GLU B 236 25.07 17.45 -7.37
N GLY B 237 23.83 17.46 -6.89
CA GLY B 237 23.40 16.47 -5.92
C GLY B 237 23.57 15.05 -6.45
N TRP B 238 23.34 14.86 -7.75
CA TRP B 238 23.64 13.58 -8.37
C TRP B 238 25.14 13.31 -8.36
N GLN B 239 25.95 14.36 -8.51
CA GLN B 239 27.40 14.18 -8.54
C GLN B 239 27.96 13.87 -7.16
N GLN B 240 27.40 14.50 -6.12
CA GLN B 240 27.89 14.28 -4.77
C GLN B 240 27.82 12.81 -4.38
N LEU B 241 26.76 12.11 -4.80
CA LEU B 241 26.59 10.72 -4.44
C LEU B 241 27.50 9.78 -5.22
N ARG B 242 28.02 10.22 -6.37
CA ARG B 242 28.89 9.41 -7.19
C ARG B 242 30.37 9.59 -6.85
N GLN B 243 30.67 10.26 -5.74
CA GLN B 243 32.01 10.26 -5.15
C GLN B 243 31.96 9.41 -3.87
N GLY B 244 32.78 9.77 -2.88
CA GLY B 244 32.74 9.12 -1.59
C GLY B 244 31.96 9.91 -0.55
N TYR B 245 31.26 10.95 -0.97
CA TYR B 245 30.59 11.88 -0.06
C TYR B 245 29.18 11.40 0.21
N LEU B 246 28.93 10.95 1.44
CA LEU B 246 27.57 10.73 1.91
C LEU B 246 27.02 12.03 2.48
N PRO B 247 25.82 12.44 2.09
CA PRO B 247 25.28 13.73 2.56
C PRO B 247 25.07 13.73 4.05
N PRO B 248 25.91 14.45 4.81
CA PRO B 248 25.85 14.35 6.28
C PRO B 248 24.54 14.83 6.86
N GLU B 249 23.72 15.56 6.10
CA GLU B 249 22.44 16.03 6.60
C GLU B 249 21.49 14.87 6.86
N PHE B 250 21.47 13.89 5.95
CA PHE B 250 20.51 12.79 6.04
C PHE B 250 21.09 11.56 6.73
N THR B 251 22.36 11.26 6.51
CA THR B 251 22.96 10.01 6.99
C THR B 251 23.48 10.10 8.42
N ALA B 252 23.08 11.13 9.18
CA ALA B 252 23.61 11.30 10.53
C ALA B 252 23.12 10.22 11.48
N GLY B 253 21.89 9.72 11.28
CA GLY B 253 21.31 8.78 12.22
C GLY B 253 21.76 7.34 12.04
N LEU B 254 22.47 7.03 10.96
CA LEU B 254 22.84 5.65 10.69
C LEU B 254 23.97 5.19 11.61
N SER B 255 23.99 3.89 11.88
CA SER B 255 25.03 3.31 12.71
C SER B 255 26.35 3.20 11.93
N SER B 256 27.41 2.90 12.66
CA SER B 256 28.72 2.78 12.02
C SER B 256 28.77 1.58 11.07
N GLU B 257 28.12 0.49 11.44
CA GLU B 257 28.10 -0.70 10.59
C GLU B 257 27.38 -0.41 9.27
N LEU B 258 26.22 0.24 9.33
CA LEU B 258 25.48 0.53 8.10
C LEU B 258 26.15 1.64 7.30
N ARG B 259 26.70 2.64 7.98
CA ARG B 259 27.45 3.68 7.28
C ARG B 259 28.66 3.10 6.58
N SER B 260 29.34 2.14 7.21
CA SER B 260 30.52 1.53 6.61
C SER B 260 30.16 0.72 5.37
N VAL B 261 29.04 -0.02 5.42
CA VAL B 261 28.63 -0.83 4.28
C VAL B 261 28.23 0.07 3.11
N LEU B 262 27.57 1.18 3.40
CA LEU B 262 27.13 2.09 2.34
C LEU B 262 28.31 2.74 1.63
N VAL B 263 29.36 3.08 2.38
CA VAL B 263 30.55 3.68 1.77
C VAL B 263 31.17 2.71 0.76
N MET B 264 31.15 1.40 1.08
CA MET B 264 31.75 0.42 0.19
C MET B 264 30.89 0.18 -1.04
N MET B 265 29.57 0.10 -0.86
CA MET B 265 28.68 -0.14 -2.01
C MET B 265 28.65 1.05 -2.95
N LEU B 266 28.92 2.26 -2.44
CA LEU B 266 28.87 3.48 -3.24
C LEU B 266 30.27 3.88 -3.74
N GLU B 267 31.22 2.96 -3.71
CA GLU B 267 32.55 3.25 -4.24
C GLU B 267 32.46 3.65 -5.72
N PRO B 268 32.94 4.83 -6.10
CA PRO B 268 32.77 5.26 -7.50
C PRO B 268 33.49 4.37 -8.49
N ASP B 269 34.67 3.87 -8.15
CA ASP B 269 35.45 3.01 -9.02
C ASP B 269 34.88 1.59 -8.97
N PRO B 270 34.29 1.11 -10.07
CA PRO B 270 33.79 -0.28 -10.07
C PRO B 270 34.90 -1.30 -9.92
N LYS B 271 36.14 -0.95 -10.26
CA LYS B 271 37.27 -1.86 -10.05
C LYS B 271 37.52 -2.08 -8.56
N LEU B 272 37.13 -1.12 -7.72
CA LEU B 272 37.34 -1.22 -6.28
C LEU B 272 36.07 -1.55 -5.51
N ARG B 273 34.89 -1.41 -6.13
CA ARG B 273 33.65 -1.57 -5.40
C ARG B 273 33.48 -3.02 -4.91
N ALA B 274 32.96 -3.15 -3.71
CA ALA B 274 32.75 -4.47 -3.12
C ALA B 274 31.70 -5.24 -3.90
N THR B 275 31.89 -6.55 -3.98
CA THR B 275 30.93 -7.44 -4.61
C THR B 275 29.88 -7.88 -3.60
N ALA B 276 28.77 -8.43 -4.12
CA ALA B 276 27.71 -8.91 -3.25
C ALA B 276 28.20 -10.05 -2.37
N GLU B 277 29.04 -10.94 -2.93
CA GLU B 277 29.65 -11.99 -2.13
C GLU B 277 30.49 -11.43 -1.00
N ALA B 278 31.25 -10.37 -1.28
CA ALA B 278 32.12 -9.78 -0.26
C ALA B 278 31.30 -9.14 0.85
N LEU B 279 30.27 -8.38 0.49
CA LEU B 279 29.44 -7.74 1.50
C LEU B 279 28.71 -8.77 2.35
N LEU B 280 28.24 -9.86 1.74
CA LEU B 280 27.55 -10.91 2.48
C LEU B 280 28.46 -11.66 3.43
N ALA B 281 29.78 -11.54 3.26
CA ALA B 281 30.75 -12.19 4.13
C ALA B 281 31.19 -11.30 5.29
N LEU B 282 30.68 -10.08 5.37
CA LEU B 282 31.02 -9.20 6.48
C LEU B 282 30.33 -9.66 7.76
N PRO B 283 30.85 -9.27 8.93
CA PRO B 283 30.26 -9.74 10.19
C PRO B 283 28.80 -9.37 10.38
N VAL B 284 28.41 -8.15 10.00
CA VAL B 284 27.03 -7.72 10.25
C VAL B 284 26.06 -8.44 9.31
N LEU B 285 26.50 -8.77 8.10
CA LEU B 285 25.64 -9.41 7.12
C LEU B 285 25.75 -10.94 7.12
N ARG B 286 26.80 -11.50 7.72
CA ARG B 286 26.82 -12.95 7.91
C ARG B 286 25.89 -13.38 9.02
N GLN B 287 25.49 -12.46 9.90
CA GLN B 287 24.52 -12.77 10.95
C GLN B 287 23.19 -13.18 10.35
#